data_7WMC
#
_entry.id   7WMC
#
_cell.length_a   70.021
_cell.length_b   70.021
_cell.length_c   227.598
_cell.angle_alpha   90.000
_cell.angle_beta   90.000
_cell.angle_gamma   120.000
#
_symmetry.space_group_name_H-M   'P 32 2 1'
#
loop_
_entity.id
_entity.type
_entity.pdbx_description
1 polymer 'Nicotinamide N-methyltransferase'
2 polymer Peptide1
3 water water
#
loop_
_entity_poly.entity_id
_entity_poly.type
_entity_poly.pdbx_seq_one_letter_code
_entity_poly.pdbx_strand_id
1 'polypeptide(L)'
;GSGFTSKDTYLSHFNPRDYLEKYYKFGSRHSAESQILKHLLKNLFKIFCLDGVKGDLLIDIGSGPTIYQLLSACESFKEI
VVTDYSDQNLQELEKWLKKEPAAFDWSPVVTYVCDLEGNRVKGPEKEEKLRQAVKQVLKCDVTQSQPLGAVPLPPADCVL
STLCLDAACPDLPTYCRALRNLGSLLKPGGFLVIMDALKSSYYMIGEQKFSSLPLGREAVEAAVKEAGYTIEWFEVISQS
YSSTMANNEGLFSLVARKL
;
A,B
2 'polypeptide(L)' GF(XA6)RG(2IQ)WPCG C,E,D
#
# COMPACT_ATOMS: atom_id res chain seq x y z
N GLY A 3 24.19 8.24 12.23
CA GLY A 3 23.29 9.44 12.44
C GLY A 3 21.77 9.15 12.46
N PHE A 4 21.33 8.17 11.69
CA PHE A 4 19.92 7.90 11.46
C PHE A 4 19.61 6.46 11.71
N THR A 5 18.41 6.22 12.19
CA THR A 5 18.00 4.94 12.75
C THR A 5 16.94 4.20 11.91
N SER A 6 16.22 4.94 11.06
CA SER A 6 15.28 4.32 10.16
C SER A 6 15.99 3.39 9.16
N LYS A 7 15.39 2.23 8.95
CA LYS A 7 15.93 1.24 8.04
C LYS A 7 15.10 1.22 6.75
N ASP A 8 14.12 2.13 6.62
CA ASP A 8 13.21 2.17 5.47
C ASP A 8 13.61 3.17 4.34
N THR A 9 14.18 2.65 3.26
CA THR A 9 14.68 3.49 2.19
C THR A 9 14.30 2.87 0.85
N TYR A 10 14.65 3.54 -0.24
CA TYR A 10 14.34 3.05 -1.57
C TYR A 10 15.36 2.04 -2.04
N LEU A 11 16.33 1.73 -1.17
CA LEU A 11 17.18 0.58 -1.36
C LEU A 11 16.70 -0.65 -0.56
N SER A 12 15.65 -0.49 0.25
CA SER A 12 14.99 -1.67 0.82
C SER A 12 14.29 -2.43 -0.31
N HIS A 13 14.18 -3.73 -0.13
CA HIS A 13 13.42 -4.54 -1.05
C HIS A 13 11.97 -4.55 -0.65
N PHE A 14 11.06 -4.61 -1.61
CA PHE A 14 9.63 -4.81 -1.36
C PHE A 14 9.47 -6.13 -0.65
N ASN A 15 8.59 -6.21 0.33
CA ASN A 15 8.34 -7.45 1.08
C ASN A 15 6.84 -7.81 1.17
N PRO A 16 6.51 -8.97 1.67
CA PRO A 16 5.08 -9.34 1.70
C PRO A 16 4.17 -8.42 2.50
N ARG A 17 4.70 -7.77 3.54
CA ARG A 17 3.92 -6.85 4.35
C ARG A 17 3.59 -5.57 3.57
N ASP A 18 4.51 -5.12 2.70
CA ASP A 18 4.23 -3.96 1.85
C ASP A 18 3.03 -4.28 0.94
N TYR A 19 2.97 -5.50 0.41
CA TYR A 19 1.88 -5.92 -0.50
C TYR A 19 0.55 -5.88 0.23
N LEU A 20 0.57 -6.45 1.43
CA LEU A 20 -0.59 -6.57 2.27
C LEU A 20 -1.16 -5.21 2.67
N GLU A 21 -0.25 -4.31 2.97
CA GLU A 21 -0.64 -2.98 3.27
C GLU A 21 -1.16 -2.20 2.11
N LYS A 22 -0.83 -2.56 0.88
CA LYS A 22 -1.38 -1.85 -0.26
C LYS A 22 -2.80 -2.25 -0.55
N TYR A 23 -3.12 -3.49 -0.34
CA TYR A 23 -4.36 -4.04 -0.87
C TYR A 23 -5.34 -4.63 0.14
N TYR A 24 -4.89 -4.93 1.36
CA TYR A 24 -5.73 -5.60 2.35
C TYR A 24 -5.81 -4.88 3.68
N LYS A 25 -5.42 -3.60 3.71
CA LYS A 25 -5.36 -2.86 4.95
C LYS A 25 -6.61 -2.02 5.01
N PHE A 26 -7.52 -2.41 5.90
CA PHE A 26 -8.86 -1.83 6.01
C PHE A 26 -9.21 -1.65 7.52
N GLY A 27 -10.42 -1.18 7.81
CA GLY A 27 -10.86 -1.09 9.19
C GLY A 27 -9.99 -0.21 10.10
N SER A 28 -9.62 -0.72 11.27
CA SER A 28 -9.06 0.16 12.27
C SER A 28 -7.67 0.72 11.90
N ARG A 29 -6.73 -0.10 11.41
CA ARG A 29 -5.41 0.42 11.04
C ARG A 29 -5.54 1.52 9.95
N HIS A 30 -6.47 1.36 9.01
CA HIS A 30 -6.59 2.36 7.97
C HIS A 30 -7.47 3.55 8.29
N SER A 31 -8.40 3.38 9.23
CA SER A 31 -9.14 4.51 9.79
C SER A 31 -8.19 5.50 10.44
N ALA A 32 -7.28 4.94 11.24
CA ALA A 32 -6.29 5.70 11.98
C ALA A 32 -5.49 6.56 11.04
N GLU A 33 -5.04 5.97 9.92
CA GLU A 33 -4.30 6.75 8.91
C GLU A 33 -5.14 7.87 8.27
N SER A 34 -6.37 7.57 7.87
CA SER A 34 -7.25 8.60 7.33
C SER A 34 -7.47 9.73 8.33
N GLN A 35 -7.53 9.35 9.61
CA GLN A 35 -7.77 10.30 10.69
C GLN A 35 -6.53 11.12 10.92
N ILE A 36 -5.37 10.47 11.03
CA ILE A 36 -4.13 11.22 11.14
C ILE A 36 -3.95 12.24 10.01
N LEU A 37 -4.33 11.85 8.80
CA LEU A 37 -4.15 12.69 7.64
C LEU A 37 -5.19 13.80 7.59
N LYS A 38 -6.41 13.49 8.00
CA LYS A 38 -7.42 14.53 8.08
C LYS A 38 -7.04 15.66 9.05
N HIS A 39 -6.37 15.27 10.13
CA HIS A 39 -5.94 16.17 11.16
C HIS A 39 -4.83 17.07 10.59
N LEU A 40 -3.86 16.49 9.88
CA LEU A 40 -2.80 17.30 9.29
C LEU A 40 -3.38 18.30 8.32
N LEU A 41 -4.32 17.85 7.50
CA LEU A 41 -4.90 18.72 6.50
C LEU A 41 -5.62 19.91 7.14
N LYS A 42 -6.35 19.63 8.21
CA LYS A 42 -7.07 20.65 8.93
C LYS A 42 -6.06 21.64 9.48
N ASN A 43 -5.00 21.11 10.03
CA ASN A 43 -3.98 21.93 10.63
C ASN A 43 -3.30 22.90 9.65
N LEU A 44 -2.95 22.39 8.47
CA LEU A 44 -2.35 23.19 7.43
C LEU A 44 -3.34 24.20 6.90
N PHE A 45 -4.61 23.86 7.01
CA PHE A 45 -5.66 24.76 6.62
C PHE A 45 -5.71 25.89 7.64
N LYS A 46 -5.65 25.52 8.91
CA LYS A 46 -5.63 26.49 10.00
C LYS A 46 -4.48 27.42 9.74
N ILE A 47 -3.29 26.86 9.59
CA ILE A 47 -2.03 27.61 9.67
C ILE A 47 -1.91 28.56 8.48
N PHE A 48 -2.24 28.05 7.29
CA PHE A 48 -2.14 28.86 6.07
C PHE A 48 -3.34 29.75 5.71
N CYS A 49 -4.56 29.31 6.00
CA CYS A 49 -5.73 30.05 5.53
C CYS A 49 -6.40 30.87 6.66
N LEU A 50 -6.13 30.51 7.91
CA LEU A 50 -6.81 31.12 9.05
C LEU A 50 -5.92 32.02 9.89
N ASP A 51 -4.68 31.58 10.08
CA ASP A 51 -3.70 32.28 10.89
C ASP A 51 -2.83 33.25 10.08
N GLY A 52 -3.06 33.36 8.77
CA GLY A 52 -2.33 34.31 7.95
C GLY A 52 -0.84 34.07 7.79
N VAL A 53 -0.41 32.80 7.85
CA VAL A 53 0.92 32.46 7.34
C VAL A 53 0.82 32.48 5.82
N LYS A 54 1.36 33.55 5.23
CA LYS A 54 1.24 33.78 3.79
C LYS A 54 2.41 34.59 3.28
N GLY A 55 2.48 34.74 1.96
CA GLY A 55 3.54 35.51 1.33
C GLY A 55 3.84 35.07 -0.08
N ASP A 56 4.93 35.57 -0.64
CA ASP A 56 5.29 35.28 -2.02
C ASP A 56 5.87 33.89 -2.24
N LEU A 57 6.76 33.44 -1.36
CA LEU A 57 7.52 32.24 -1.64
C LEU A 57 7.52 31.25 -0.47
N LEU A 58 7.05 30.04 -0.74
CA LEU A 58 7.19 28.94 0.24
C LEU A 58 8.06 27.83 -0.36
N ILE A 59 8.99 27.33 0.45
CA ILE A 59 9.79 26.16 0.12
C ILE A 59 9.41 24.97 1.03
N ASP A 60 9.01 23.86 0.42
CA ASP A 60 8.70 22.63 1.12
C ASP A 60 10.00 21.81 1.14
N ILE A 61 10.48 21.51 2.34
CA ILE A 61 11.72 20.74 2.53
C ILE A 61 11.42 19.30 2.91
N GLY A 62 11.82 18.38 2.05
CA GLY A 62 11.48 16.96 2.18
C GLY A 62 10.06 16.71 1.78
N SER A 63 9.70 17.08 0.57
CA SER A 63 8.33 16.87 0.06
C SER A 63 7.98 15.40 -0.12
N GLY A 64 8.97 14.54 -0.27
CA GLY A 64 8.71 13.15 -0.63
C GLY A 64 8.05 13.08 -2.00
N PRO A 65 7.26 12.03 -2.26
CA PRO A 65 6.43 11.90 -3.51
C PRO A 65 4.99 12.46 -3.40
N THR A 66 4.84 13.38 -2.46
CA THR A 66 3.57 13.74 -1.88
C THR A 66 3.24 15.21 -2.14
N ILE A 67 1.99 15.49 -2.48
CA ILE A 67 1.50 16.90 -2.59
C ILE A 67 0.41 17.33 -1.57
N TYR A 68 0.05 16.46 -0.64
CA TYR A 68 -1.07 16.75 0.21
C TYR A 68 -0.76 17.95 1.10
N GLN A 69 0.52 18.18 1.35
CA GLN A 69 1.00 19.18 2.29
C GLN A 69 1.10 20.55 1.70
N LEU A 70 0.76 20.66 0.42
CA LEU A 70 0.80 21.91 -0.29
C LEU A 70 -0.57 22.41 -0.66
N LEU A 71 -1.59 21.57 -0.46
CA LEU A 71 -2.93 21.86 -1.00
C LEU A 71 -3.55 23.15 -0.46
N SER A 72 -3.47 23.35 0.84
CA SER A 72 -3.90 24.61 1.44
C SER A 72 -2.84 25.73 1.28
N ALA A 73 -1.57 25.38 1.21
CA ALA A 73 -0.49 26.37 1.10
C ALA A 73 -0.57 27.19 -0.21
N CYS A 74 -1.05 26.57 -1.28
CA CYS A 74 -1.08 27.23 -2.60
C CYS A 74 -2.09 28.35 -2.72
N GLU A 75 -3.03 28.38 -1.77
CA GLU A 75 -4.01 29.47 -1.62
C GLU A 75 -3.38 30.71 -0.94
N SER A 76 -2.23 30.57 -0.32
CA SER A 76 -1.60 31.66 0.43
C SER A 76 -0.21 32.04 -0.07
N PHE A 77 0.32 31.32 -1.03
CA PHE A 77 1.67 31.58 -1.51
C PHE A 77 1.59 31.58 -3.01
N LYS A 78 2.14 32.64 -3.61
CA LYS A 78 2.19 32.83 -5.06
C LYS A 78 3.04 31.73 -5.65
N GLU A 79 4.18 31.45 -5.02
CA GLU A 79 5.05 30.40 -5.57
C GLU A 79 5.52 29.42 -4.52
N ILE A 80 5.59 28.16 -4.93
CA ILE A 80 6.02 27.08 -4.08
C ILE A 80 7.19 26.37 -4.74
N VAL A 81 8.17 26.02 -3.95
CA VAL A 81 9.29 25.22 -4.42
C VAL A 81 9.26 23.90 -3.64
N VAL A 82 9.16 22.77 -4.36
CA VAL A 82 9.21 21.44 -3.74
C VAL A 82 10.62 20.84 -3.83
N THR A 83 11.05 20.20 -2.76
CA THR A 83 12.41 19.72 -2.63
C THR A 83 12.43 18.44 -1.86
N ASP A 84 13.41 17.59 -2.20
CA ASP A 84 13.69 16.35 -1.50
C ASP A 84 15.09 15.87 -1.91
N TYR A 85 15.77 15.14 -1.03
CA TYR A 85 17.06 14.58 -1.37
C TYR A 85 16.95 13.52 -2.46
N SER A 86 15.88 12.74 -2.45
CA SER A 86 15.81 11.56 -3.35
C SER A 86 15.25 11.92 -4.69
N ASP A 87 16.00 11.59 -5.73
CA ASP A 87 15.58 11.89 -7.07
C ASP A 87 14.34 11.11 -7.49
N GLN A 88 14.24 9.87 -7.06
CA GLN A 88 13.03 9.07 -7.28
C GLN A 88 11.78 9.79 -6.73
N ASN A 89 11.86 10.46 -5.58
CA ASN A 89 10.71 11.22 -5.09
C ASN A 89 10.33 12.39 -6.03
N LEU A 90 11.35 13.14 -6.40
CA LEU A 90 11.24 14.22 -7.35
C LEU A 90 10.54 13.80 -8.64
N GLN A 91 10.99 12.69 -9.20
CA GLN A 91 10.37 12.12 -10.41
C GLN A 91 8.88 11.80 -10.23
N GLU A 92 8.48 11.26 -9.07
CA GLU A 92 7.04 11.02 -8.79
C GLU A 92 6.26 12.30 -8.72
N LEU A 93 6.79 13.29 -8.02
CA LEU A 93 6.15 14.60 -7.96
C LEU A 93 5.97 15.19 -9.35
N GLU A 94 7.03 15.09 -10.18
CA GLU A 94 6.99 15.62 -11.55
C GLU A 94 5.94 14.97 -12.42
N LYS A 95 5.76 13.66 -12.32
CA LYS A 95 4.67 13.02 -13.07
C LYS A 95 3.32 13.69 -12.79
N TRP A 96 3.09 14.06 -11.54
CA TRP A 96 1.84 14.68 -11.16
C TRP A 96 1.80 16.13 -11.55
N LEU A 97 2.88 16.87 -11.38
CA LEU A 97 2.83 18.30 -11.71
C LEU A 97 2.58 18.52 -13.21
N LYS A 98 3.27 17.73 -14.04
CA LYS A 98 3.10 17.76 -15.49
C LYS A 98 1.86 16.92 -15.92
N LYS A 99 1.02 16.54 -14.96
CA LYS A 99 -0.27 15.93 -15.25
C LYS A 99 -0.23 14.74 -16.19
N GLU A 100 0.79 13.91 -16.06
CA GLU A 100 0.92 12.67 -16.83
C GLU A 100 -0.05 11.60 -16.30
N PRO A 101 -0.57 10.75 -17.20
CA PRO A 101 -1.63 9.84 -16.76
C PRO A 101 -1.13 8.66 -15.89
N ALA A 102 0.18 8.40 -15.91
CA ALA A 102 0.82 7.45 -15.01
C ALA A 102 0.93 7.96 -13.55
N ALA A 103 0.60 9.23 -13.32
CA ALA A 103 0.71 9.81 -12.00
C ALA A 103 -0.30 9.26 -11.02
N PHE A 104 -0.02 9.50 -9.75
CA PHE A 104 -0.83 9.03 -8.68
C PHE A 104 -2.06 9.91 -8.64
N ASP A 105 -3.17 9.29 -8.29
CA ASP A 105 -4.44 9.94 -8.16
C ASP A 105 -4.63 10.50 -6.73
N TRP A 106 -4.57 11.83 -6.61
CA TRP A 106 -4.78 12.57 -5.32
C TRP A 106 -6.24 13.05 -5.06
N SER A 107 -7.17 12.76 -5.98
CA SER A 107 -8.60 13.16 -5.87
C SER A 107 -9.22 13.15 -4.51
N PRO A 108 -9.21 12.01 -3.83
CA PRO A 108 -9.91 12.10 -2.56
C PRO A 108 -9.20 12.97 -1.54
N VAL A 109 -7.91 13.21 -1.68
CA VAL A 109 -7.26 14.17 -0.78
C VAL A 109 -7.58 15.60 -1.22
N VAL A 110 -7.68 15.79 -2.53
CA VAL A 110 -7.98 17.10 -3.07
C VAL A 110 -9.42 17.52 -2.70
N THR A 111 -10.35 16.57 -2.85
CA THR A 111 -11.75 16.77 -2.50
C THR A 111 -11.87 17.14 -1.00
N TYR A 112 -11.16 16.40 -0.15
CA TYR A 112 -11.23 16.67 1.27
C TYR A 112 -10.73 18.09 1.63
N VAL A 113 -9.72 18.60 0.93
CA VAL A 113 -9.26 19.95 1.20
C VAL A 113 -10.26 20.98 0.68
N CYS A 114 -10.86 20.74 -0.49
CA CYS A 114 -11.89 21.65 -1.03
C CYS A 114 -13.07 21.71 -0.05
N ASP A 115 -13.42 20.57 0.54
CA ASP A 115 -14.42 20.51 1.61
C ASP A 115 -14.02 21.43 2.77
N LEU A 116 -12.77 21.33 3.24
CA LEU A 116 -12.33 22.13 4.39
C LEU A 116 -12.37 23.65 4.14
N GLU A 117 -12.32 24.02 2.86
CA GLU A 117 -12.28 25.41 2.43
C GLU A 117 -13.66 25.92 2.00
N GLY A 118 -14.73 25.25 2.45
CA GLY A 118 -16.11 25.70 2.22
C GLY A 118 -16.57 25.54 0.79
N ASN A 119 -15.96 24.58 0.09
CA ASN A 119 -16.29 24.24 -1.31
C ASN A 119 -16.38 25.47 -2.26
N ARG A 120 -15.49 26.44 -2.06
CA ARG A 120 -15.34 27.60 -2.96
C ARG A 120 -14.99 27.16 -4.36
N VAL A 121 -14.41 25.96 -4.44
CA VAL A 121 -13.68 25.48 -5.60
C VAL A 121 -13.89 23.98 -5.73
N LYS A 122 -13.84 23.50 -6.96
CA LYS A 122 -14.01 22.07 -7.24
C LYS A 122 -12.59 21.47 -7.44
N GLY A 123 -12.47 20.16 -7.30
CA GLY A 123 -11.16 19.47 -7.43
C GLY A 123 -10.25 19.94 -8.55
N PRO A 124 -10.70 19.87 -9.79
CA PRO A 124 -9.72 20.17 -10.84
C PRO A 124 -9.19 21.60 -10.76
N GLU A 125 -10.02 22.54 -10.34
CA GLU A 125 -9.55 23.92 -10.28
C GLU A 125 -8.41 24.05 -9.26
N LYS A 126 -8.58 23.35 -8.14
CA LYS A 126 -7.63 23.27 -7.08
C LYS A 126 -6.30 22.64 -7.51
N GLU A 127 -6.36 21.54 -8.24
CA GLU A 127 -5.15 20.92 -8.74
C GLU A 127 -4.42 21.92 -9.65
N GLU A 128 -5.20 22.69 -10.41
CA GLU A 128 -4.65 23.68 -11.30
C GLU A 128 -3.95 24.79 -10.55
N LYS A 129 -4.52 25.21 -9.43
CA LYS A 129 -3.90 26.27 -8.67
C LYS A 129 -2.57 25.75 -8.12
N LEU A 130 -2.55 24.53 -7.61
CA LEU A 130 -1.30 23.99 -7.10
C LEU A 130 -0.22 23.89 -8.19
N ARG A 131 -0.57 23.34 -9.35
CA ARG A 131 0.40 23.16 -10.43
C ARG A 131 0.99 24.50 -10.87
N GLN A 132 0.14 25.52 -10.92
CA GLN A 132 0.55 26.85 -11.36
C GLN A 132 1.51 27.46 -10.32
N ALA A 133 1.27 27.17 -9.06
CA ALA A 133 2.08 27.66 -7.96
C ALA A 133 3.46 27.01 -7.81
N VAL A 134 3.61 25.75 -8.21
CA VAL A 134 4.90 25.09 -8.13
C VAL A 134 5.73 25.41 -9.35
N LYS A 135 6.83 26.13 -9.17
CA LYS A 135 7.70 26.58 -10.28
C LYS A 135 8.94 25.71 -10.45
N GLN A 136 9.46 25.18 -9.34
CA GLN A 136 10.66 24.40 -9.39
C GLN A 136 10.60 23.19 -8.48
N VAL A 137 11.26 22.13 -8.93
CA VAL A 137 11.39 20.89 -8.21
C VAL A 137 12.88 20.67 -8.03
N LEU A 138 13.39 20.77 -6.81
CA LEU A 138 14.87 20.77 -6.59
C LEU A 138 15.35 19.72 -5.63
N LYS A 139 16.51 19.15 -5.92
CA LYS A 139 17.24 18.34 -4.96
C LYS A 139 17.63 19.20 -3.76
N CYS A 140 17.50 18.67 -2.54
CA CYS A 140 17.99 19.37 -1.35
C CYS A 140 18.73 18.47 -0.42
N ASP A 141 19.78 19.02 0.19
CA ASP A 141 20.62 18.33 1.12
C ASP A 141 20.82 19.22 2.32
N VAL A 142 20.11 18.93 3.38
CA VAL A 142 20.11 19.78 4.57
C VAL A 142 21.33 19.66 5.47
N THR A 143 22.21 18.72 5.21
CA THR A 143 23.51 18.63 5.91
C THR A 143 24.47 19.70 5.39
N GLN A 144 24.14 20.37 4.29
CA GLN A 144 24.99 21.37 3.69
C GLN A 144 24.46 22.77 4.06
N SER A 145 25.40 23.67 4.31
CA SER A 145 25.17 25.08 4.60
C SER A 145 24.21 25.69 3.59
N GLN A 146 24.28 25.25 2.32
CA GLN A 146 23.34 25.72 1.27
C GLN A 146 22.55 24.52 0.77
N PRO A 147 21.43 24.26 1.43
CA PRO A 147 20.79 23.00 1.11
C PRO A 147 20.39 22.80 -0.33
N LEU A 148 20.31 23.88 -1.10
CA LEU A 148 19.88 23.83 -2.48
C LEU A 148 21.06 23.87 -3.49
N GLY A 149 22.28 23.87 -2.97
CA GLY A 149 23.48 23.89 -3.80
C GLY A 149 23.67 25.21 -4.55
N ALA A 150 24.13 25.08 -5.79
CA ALA A 150 24.33 26.22 -6.70
C ALA A 150 23.03 26.87 -7.22
N VAL A 151 21.85 26.37 -6.82
CA VAL A 151 20.59 26.99 -7.25
C VAL A 151 20.27 28.14 -6.28
N PRO A 152 20.18 29.37 -6.78
CA PRO A 152 19.93 30.51 -5.92
C PRO A 152 18.47 30.99 -5.94
N LEU A 153 17.84 31.06 -4.77
CA LEU A 153 16.47 31.51 -4.68
C LEU A 153 16.43 32.73 -3.82
N PRO A 154 15.56 33.68 -4.13
CA PRO A 154 15.39 34.66 -3.07
C PRO A 154 15.04 34.01 -1.73
N PRO A 155 15.24 34.74 -0.64
CA PRO A 155 14.89 34.16 0.66
C PRO A 155 13.39 33.99 0.76
N ALA A 156 12.93 32.86 1.30
CA ALA A 156 11.53 32.55 1.34
C ALA A 156 10.79 33.23 2.52
N ASP A 157 9.47 33.32 2.36
CA ASP A 157 8.60 33.75 3.45
C ASP A 157 8.26 32.67 4.46
N CYS A 158 8.36 31.42 4.01
CA CYS A 158 8.05 30.27 4.82
C CYS A 158 8.80 29.08 4.31
N VAL A 159 9.25 28.27 5.26
CA VAL A 159 9.72 26.93 4.96
C VAL A 159 8.84 25.93 5.69
N LEU A 160 8.37 24.95 4.94
CA LEU A 160 7.50 23.93 5.46
C LEU A 160 8.25 22.61 5.44
N SER A 161 8.10 21.84 6.50
CA SER A 161 8.61 20.48 6.51
C SER A 161 7.74 19.47 7.27
N THR A 162 7.42 18.41 6.54
CA THR A 162 6.43 17.47 6.93
C THR A 162 7.04 16.08 7.09
N LEU A 163 6.87 15.51 8.30
CA LEU A 163 7.13 14.07 8.61
C LEU A 163 8.54 13.51 8.32
N CYS A 164 9.53 14.39 8.41
CA CYS A 164 10.88 14.04 8.14
C CYS A 164 11.60 13.34 9.29
N LEU A 165 11.29 13.73 10.51
CA LEU A 165 11.83 13.09 11.71
C LEU A 165 11.36 11.63 11.68
N ASP A 166 10.09 11.45 11.38
CA ASP A 166 9.49 10.15 11.31
C ASP A 166 10.05 9.31 10.15
N ALA A 167 10.52 9.89 9.07
CA ALA A 167 11.02 9.03 7.97
C ALA A 167 12.45 8.54 8.15
N ALA A 168 13.22 9.25 8.95
CA ALA A 168 14.66 9.04 9.02
C ALA A 168 15.17 8.78 10.42
N CYS A 169 14.43 9.25 11.44
CA CYS A 169 14.79 9.09 12.87
C CYS A 169 16.20 9.55 13.10
N PRO A 170 16.45 10.85 12.85
CA PRO A 170 17.75 11.41 13.11
C PRO A 170 18.00 11.56 14.62
N ASP A 171 19.25 11.65 15.04
CA ASP A 171 19.56 12.05 16.41
C ASP A 171 19.38 13.55 16.44
N LEU A 172 19.35 14.07 17.65
CA LEU A 172 19.01 15.45 17.91
C LEU A 172 19.95 16.45 17.18
N PRO A 173 21.27 16.33 17.39
CA PRO A 173 22.17 17.29 16.74
C PRO A 173 22.03 17.33 15.24
N THR A 174 21.85 16.16 14.64
CA THR A 174 21.65 16.09 13.23
C THR A 174 20.42 16.93 12.84
N TYR A 175 19.35 16.80 13.61
CA TYR A 175 18.13 17.51 13.43
C TYR A 175 18.34 19.03 13.62
N CYS A 176 19.05 19.38 14.69
CA CYS A 176 19.29 20.79 15.02
C CYS A 176 20.09 21.47 13.90
N ARG A 177 21.12 20.79 13.39
CA ARG A 177 21.96 21.36 12.36
C ARG A 177 21.25 21.47 11.02
N ALA A 178 20.43 20.48 10.70
CA ALA A 178 19.55 20.60 9.53
C ALA A 178 18.59 21.79 9.69
N LEU A 179 17.95 21.94 10.85
CA LEU A 179 17.08 23.12 11.02
C LEU A 179 17.83 24.43 10.77
N ARG A 180 19.05 24.55 11.26
CA ARG A 180 19.86 25.73 11.02
C ARG A 180 20.17 25.91 9.54
N ASN A 181 20.62 24.85 8.89
CA ASN A 181 20.95 24.97 7.48
C ASN A 181 19.73 25.44 6.67
N LEU A 182 18.53 24.99 7.04
CA LEU A 182 17.29 25.47 6.39
C LEU A 182 17.07 26.95 6.56
N GLY A 183 17.41 27.46 7.74
CA GLY A 183 17.32 28.92 8.02
C GLY A 183 17.90 29.78 6.93
N SER A 184 19.03 29.33 6.36
CA SER A 184 19.70 30.05 5.28
C SER A 184 18.79 30.36 4.09
N LEU A 185 17.74 29.55 3.89
CA LEU A 185 16.72 29.74 2.82
C LEU A 185 15.60 30.71 3.18
N LEU A 186 15.55 31.14 4.41
CA LEU A 186 14.40 31.82 4.95
C LEU A 186 14.75 33.26 5.26
N LYS A 187 13.84 34.18 4.98
CA LYS A 187 14.10 35.59 5.26
C LYS A 187 14.05 35.80 6.78
N PRO A 188 14.77 36.81 7.30
CA PRO A 188 14.64 37.03 8.75
C PRO A 188 13.21 37.34 9.09
N GLY A 189 12.71 36.78 10.19
CA GLY A 189 11.30 36.89 10.54
C GLY A 189 10.38 35.92 9.78
N GLY A 190 10.92 35.10 8.91
CA GLY A 190 10.10 34.22 8.11
C GLY A 190 9.64 33.01 8.91
N PHE A 191 8.56 32.39 8.46
CA PHE A 191 7.98 31.26 9.19
C PHE A 191 8.63 29.92 8.88
N LEU A 192 8.79 29.14 9.93
CA LEU A 192 9.12 27.74 9.83
C LEU A 192 7.90 27.00 10.31
N VAL A 193 7.32 26.14 9.50
CA VAL A 193 6.18 25.31 9.91
C VAL A 193 6.58 23.84 9.83
N ILE A 194 6.58 23.13 10.96
CA ILE A 194 6.94 21.72 11.03
C ILE A 194 5.72 20.94 11.48
N MET A 195 5.49 19.81 10.83
CA MET A 195 4.54 18.82 11.28
C MET A 195 5.20 17.45 11.27
N ASP A 196 5.24 16.77 12.41
CA ASP A 196 6.01 15.56 12.51
C ASP A 196 5.56 14.63 13.67
N ALA A 197 6.26 13.51 13.82
CA ALA A 197 5.91 12.50 14.84
C ALA A 197 6.77 12.71 16.06
N LEU A 198 6.20 12.50 17.24
CA LEU A 198 6.84 12.84 18.51
C LEU A 198 7.16 11.62 19.39
N GLY A 216 10.88 15.08 25.26
CA GLY A 216 10.83 14.75 23.80
C GLY A 216 10.10 15.79 22.96
N ARG A 217 9.00 16.29 23.53
CA ARG A 217 8.48 17.58 23.15
C ARG A 217 9.56 18.66 23.39
N GLU A 218 10.20 18.66 24.55
CA GLU A 218 11.20 19.69 24.84
C GLU A 218 12.47 19.52 24.04
N ALA A 219 12.79 18.28 23.66
CA ALA A 219 13.93 18.02 22.80
C ALA A 219 13.75 18.69 21.42
N VAL A 220 12.57 18.55 20.86
CA VAL A 220 12.24 19.23 19.62
C VAL A 220 12.28 20.73 19.82
N GLU A 221 11.67 21.19 20.90
CA GLU A 221 11.67 22.61 21.20
C GLU A 221 13.09 23.17 21.34
N ALA A 222 13.97 22.44 22.00
CA ALA A 222 15.31 22.94 22.24
C ALA A 222 16.12 22.96 20.95
N ALA A 223 15.93 21.93 20.12
CA ALA A 223 16.51 21.89 18.79
C ALA A 223 16.10 23.07 17.91
N VAL A 224 14.84 23.48 17.98
CA VAL A 224 14.36 24.58 17.12
C VAL A 224 14.92 25.92 17.63
N LYS A 225 14.95 26.12 18.93
CA LYS A 225 15.53 27.30 19.56
C LYS A 225 17.02 27.46 19.20
N GLU A 226 17.76 26.39 19.47
CA GLU A 226 19.19 26.35 19.20
C GLU A 226 19.50 26.57 17.72
N ALA A 227 18.60 26.17 16.82
CA ALA A 227 18.82 26.32 15.38
C ALA A 227 18.60 27.76 14.94
N GLY A 228 18.08 28.58 15.84
CA GLY A 228 17.97 30.01 15.59
C GLY A 228 16.57 30.49 15.28
N TYR A 229 15.57 29.92 15.96
CA TYR A 229 14.17 30.25 15.74
C TYR A 229 13.48 30.56 17.06
N THR A 230 12.38 31.27 16.99
CA THR A 230 11.53 31.50 18.15
C THR A 230 10.24 30.76 17.90
N ILE A 231 9.86 29.92 18.84
CA ILE A 231 8.59 29.19 18.75
C ILE A 231 7.41 30.10 19.06
N GLU A 232 6.42 30.12 18.16
CA GLU A 232 5.19 30.88 18.33
C GLU A 232 4.07 30.02 18.88
N TRP A 233 4.02 28.79 18.40
CA TRP A 233 2.95 27.86 18.74
C TRP A 233 3.36 26.44 18.56
N PHE A 234 3.09 25.62 19.57
CA PHE A 234 3.34 24.20 19.55
C PHE A 234 2.05 23.48 19.98
N GLU A 235 1.73 22.38 19.30
CA GLU A 235 0.48 21.71 19.52
C GLU A 235 0.60 20.24 19.22
N VAL A 236 0.05 19.41 20.10
CA VAL A 236 -0.13 17.99 19.79
C VAL A 236 -1.49 17.78 19.06
N ILE A 237 -1.46 17.05 17.94
CA ILE A 237 -2.67 16.71 17.17
C ILE A 237 -2.80 15.22 16.77
N GLY A 250 2.18 10.08 18.67
CA GLY A 250 2.18 11.51 18.98
C GLY A 250 2.57 12.39 17.81
N LEU A 251 1.59 12.96 17.12
CA LEU A 251 1.85 13.85 16.02
C LEU A 251 1.78 15.30 16.49
N PHE A 252 2.85 16.07 16.20
CA PHE A 252 2.92 17.49 16.58
C PHE A 252 2.91 18.45 15.41
N SER A 253 2.66 19.70 15.74
CA SER A 253 2.63 20.77 14.79
C SER A 253 3.26 21.97 15.44
N LEU A 254 3.99 22.76 14.67
CA LEU A 254 4.75 23.82 15.29
C LEU A 254 4.96 24.94 14.30
N VAL A 255 4.65 26.16 14.70
CA VAL A 255 5.02 27.32 13.91
C VAL A 255 6.10 28.06 14.69
N ALA A 256 7.16 28.45 13.98
CA ALA A 256 8.25 29.21 14.57
C ALA A 256 8.67 30.29 13.62
N ARG A 257 9.54 31.16 14.08
CA ARG A 257 9.95 32.33 13.32
C ARG A 257 11.45 32.41 13.32
N LYS A 258 12.03 32.69 12.17
CA LYS A 258 13.47 32.86 12.09
C LYS A 258 13.92 34.14 12.82
N LEU A 259 14.80 33.96 13.80
CA LEU A 259 15.53 35.08 14.38
C LEU A 259 16.48 35.66 13.36
CA GLY B 1 17.22 8.13 0.56
C GLY B 1 15.95 7.63 1.31
N PHE B 2 15.53 8.40 2.29
CA PHE B 2 14.37 8.11 3.04
C PHE B 2 13.12 8.43 2.24
N ARG B 4 10.72 10.33 2.64
CA ARG B 4 10.79 11.78 2.44
C ARG B 4 11.94 12.33 3.27
N GLY B 5 12.60 13.36 2.75
CA GLY B 5 13.60 14.10 3.55
C GLY B 5 14.63 14.88 2.74
N TRP B 7 18.07 14.36 3.43
CA TRP B 7 19.26 13.67 3.93
C TRP B 7 19.66 12.50 3.02
N PRO B 8 20.96 12.22 2.87
CA PRO B 8 21.40 10.92 2.26
C PRO B 8 21.05 9.76 3.16
N CYS B 9 20.88 8.55 2.60
CA CYS B 9 20.32 7.42 3.39
C CYS B 9 20.97 6.01 3.29
CA GLY C 1 -14.64 -4.69 5.45
C GLY C 1 -13.69 -5.10 4.32
N PHE C 2 -13.97 -4.62 3.10
CA PHE C 2 -13.21 -4.99 1.92
C PHE C 2 -12.65 -3.78 1.11
N ARG C 4 -11.00 0.66 1.52
CA ARG C 4 -10.70 1.94 2.12
C ARG C 4 -11.71 2.87 1.47
N GLY C 5 -12.37 3.82 2.13
CA GLY C 5 -12.05 4.45 3.36
C GLY C 5 -11.54 5.86 3.00
N TRP C 7 -15.51 6.29 4.71
CA TRP C 7 -16.03 5.57 5.86
C TRP C 7 -15.38 4.19 5.87
N PRO C 8 -14.83 3.78 7.03
CA PRO C 8 -14.16 2.48 7.08
C PRO C 8 -15.13 1.30 6.99
N CYS C 9 -14.56 0.16 6.57
CA CYS C 9 -15.09 -1.19 6.68
C CYS C 9 -14.26 -1.93 7.71
N GLY D 3 9.84 -17.31 -19.13
CA GLY D 3 8.83 -16.60 -19.99
C GLY D 3 7.76 -15.84 -19.21
N PHE D 4 8.17 -15.29 -18.06
CA PHE D 4 7.30 -14.44 -17.26
C PHE D 4 7.57 -12.99 -17.65
N THR D 5 6.53 -12.18 -17.56
CA THR D 5 6.51 -10.78 -18.00
C THR D 5 6.54 -9.80 -16.83
N SER D 6 6.07 -10.26 -15.66
CA SER D 6 5.95 -9.41 -14.48
C SER D 6 7.34 -9.16 -13.89
N LYS D 7 7.55 -7.90 -13.54
CA LYS D 7 8.82 -7.47 -12.93
C LYS D 7 8.55 -6.91 -11.48
N ASP D 8 7.37 -7.21 -10.96
CA ASP D 8 7.03 -6.96 -9.58
C ASP D 8 7.32 -8.19 -8.70
N THR D 9 8.40 -8.13 -7.91
CA THR D 9 8.88 -9.26 -7.13
C THR D 9 9.44 -8.80 -5.81
N TYR D 10 9.82 -9.76 -4.99
CA TYR D 10 10.44 -9.48 -3.75
C TYR D 10 11.92 -9.16 -3.94
N LEU D 11 12.40 -9.20 -5.19
CA LEU D 11 13.73 -8.71 -5.50
C LEU D 11 13.68 -7.27 -6.00
N SER D 12 12.50 -6.75 -6.31
CA SER D 12 12.34 -5.34 -6.65
C SER D 12 12.57 -4.45 -5.44
N HIS D 13 13.07 -3.25 -5.72
CA HIS D 13 13.22 -2.23 -4.68
C HIS D 13 11.86 -1.66 -4.40
N PHE D 14 11.66 -1.33 -3.15
CA PHE D 14 10.59 -0.45 -2.80
C PHE D 14 10.82 0.90 -3.51
N ASN D 15 9.76 1.46 -4.10
CA ASN D 15 9.84 2.72 -4.82
C ASN D 15 8.79 3.76 -4.33
N PRO D 16 8.90 5.00 -4.82
CA PRO D 16 8.02 6.01 -4.21
C PRO D 16 6.52 5.77 -4.41
N ARG D 17 6.18 5.14 -5.54
CA ARG D 17 4.82 4.87 -5.85
C ARG D 17 4.28 3.81 -4.90
N ASP D 18 5.16 2.95 -4.38
CA ASP D 18 4.77 1.94 -3.41
C ASP D 18 4.34 2.62 -2.10
N TYR D 19 5.11 3.63 -1.69
CA TYR D 19 4.79 4.44 -0.54
C TYR D 19 3.41 5.11 -0.68
N LEU D 20 3.15 5.70 -1.85
CA LEU D 20 1.89 6.36 -2.13
C LEU D 20 0.71 5.37 -1.99
N GLU D 21 0.88 4.19 -2.56
CA GLU D 21 -0.21 3.23 -2.59
C GLU D 21 -0.51 2.66 -1.20
N LYS D 22 0.52 2.51 -0.36
CA LYS D 22 0.34 2.00 0.99
C LYS D 22 -0.40 2.94 1.93
N TYR D 23 -0.16 4.24 1.77
CA TYR D 23 -0.50 5.27 2.78
C TYR D 23 -1.37 6.42 2.29
N TYR D 24 -1.45 6.68 0.99
CA TYR D 24 -2.21 7.84 0.51
C TYR D 24 -3.29 7.44 -0.49
N LYS D 25 -3.69 6.18 -0.46
CA LYS D 25 -4.79 5.71 -1.28
C LYS D 25 -6.01 5.67 -0.39
N PHE D 26 -7.09 6.22 -0.92
CA PHE D 26 -8.34 6.28 -0.20
C PHE D 26 -9.46 6.04 -1.20
N GLY D 27 -10.61 5.58 -0.75
CA GLY D 27 -11.70 5.32 -1.67
C GLY D 27 -13.04 5.19 -1.00
N SER D 28 -13.92 4.47 -1.67
CA SER D 28 -15.22 4.13 -1.12
C SER D 28 -15.45 2.65 -1.49
N ARG D 29 -16.54 2.07 -1.00
CA ARG D 29 -16.92 0.75 -1.49
C ARG D 29 -17.19 0.68 -3.01
N HIS D 30 -17.30 1.84 -3.67
CA HIS D 30 -17.54 1.91 -5.10
C HIS D 30 -16.26 2.07 -5.96
N SER D 31 -15.08 2.22 -5.36
CA SER D 31 -13.78 2.17 -6.06
C SER D 31 -13.64 0.93 -6.93
N ALA D 32 -12.90 1.02 -8.02
CA ALA D 32 -12.63 -0.17 -8.83
C ALA D 32 -12.03 -1.28 -8.01
N GLU D 33 -10.93 -0.95 -7.34
CA GLU D 33 -10.13 -1.94 -6.61
C GLU D 33 -10.99 -2.71 -5.60
N SER D 34 -11.87 -1.97 -4.91
CA SER D 34 -12.72 -2.56 -3.87
C SER D 34 -13.87 -3.44 -4.44
N GLN D 35 -14.31 -3.06 -5.62
CA GLN D 35 -15.26 -3.83 -6.42
C GLN D 35 -14.71 -5.21 -6.79
N ILE D 36 -13.45 -5.25 -7.26
CA ILE D 36 -12.77 -6.53 -7.54
C ILE D 36 -12.70 -7.44 -6.32
N LEU D 37 -12.23 -6.91 -5.19
CA LEU D 37 -12.14 -7.75 -3.98
C LEU D 37 -13.55 -8.17 -3.55
N LYS D 38 -14.52 -7.26 -3.63
CA LYS D 38 -15.91 -7.60 -3.29
C LYS D 38 -16.35 -8.84 -4.06
N HIS D 39 -16.06 -8.81 -5.35
CA HIS D 39 -16.47 -9.87 -6.24
C HIS D 39 -15.72 -11.16 -5.99
N LEU D 40 -14.42 -11.11 -5.77
CA LEU D 40 -13.67 -12.33 -5.43
C LEU D 40 -14.30 -13.01 -4.23
N LEU D 41 -14.52 -12.25 -3.17
CA LEU D 41 -15.09 -12.78 -1.95
C LEU D 41 -16.48 -13.36 -2.15
N LYS D 42 -17.28 -12.73 -2.99
CA LYS D 42 -18.60 -13.21 -3.34
C LYS D 42 -18.52 -14.53 -4.06
N ASN D 43 -17.66 -14.61 -5.06
CA ASN D 43 -17.51 -15.86 -5.80
C ASN D 43 -16.98 -17.00 -4.98
N LEU D 44 -16.07 -16.76 -4.05
CA LEU D 44 -15.53 -17.86 -3.21
C LEU D 44 -16.62 -18.41 -2.29
N PHE D 45 -17.46 -17.49 -1.83
CA PHE D 45 -18.64 -17.83 -1.04
C PHE D 45 -19.64 -18.69 -1.86
N LYS D 46 -20.02 -18.16 -3.01
CA LYS D 46 -20.84 -18.89 -3.97
C LYS D 46 -20.27 -20.28 -4.23
N ILE D 47 -18.96 -20.39 -4.52
CA ILE D 47 -18.39 -21.69 -4.90
C ILE D 47 -18.36 -22.66 -3.76
N PHE D 48 -17.79 -22.28 -2.62
CA PHE D 48 -17.58 -23.24 -1.53
C PHE D 48 -18.79 -23.38 -0.62
N CYS D 49 -19.76 -22.47 -0.69
CA CYS D 49 -20.92 -22.53 0.19
C CYS D 49 -22.25 -22.76 -0.58
N LEU D 50 -22.41 -22.16 -1.77
CA LEU D 50 -23.62 -22.32 -2.60
C LEU D 50 -23.54 -23.35 -3.81
N ASP D 51 -22.35 -23.68 -4.33
CA ASP D 51 -22.21 -24.52 -5.55
C ASP D 51 -21.78 -25.97 -5.29
N GLY D 52 -21.48 -26.28 -4.03
CA GLY D 52 -21.23 -27.64 -3.63
C GLY D 52 -19.78 -28.09 -3.63
N VAL D 53 -18.84 -27.16 -3.75
CA VAL D 53 -17.44 -27.58 -3.75
C VAL D 53 -16.98 -27.80 -2.33
N LYS D 54 -16.82 -29.07 -1.94
CA LYS D 54 -16.44 -29.43 -0.57
C LYS D 54 -15.64 -30.74 -0.50
N GLY D 55 -15.15 -31.08 0.68
CA GLY D 55 -14.44 -32.32 0.83
C GLY D 55 -13.59 -32.38 2.06
N ASP D 56 -12.71 -33.37 2.09
CA ASP D 56 -11.82 -33.58 3.22
C ASP D 56 -10.62 -32.61 3.23
N LEU D 57 -10.06 -32.36 2.04
CA LEU D 57 -8.76 -31.75 1.85
C LEU D 57 -8.80 -30.81 0.64
N LEU D 58 -8.42 -29.55 0.85
CA LEU D 58 -8.19 -28.60 -0.23
C LEU D 58 -6.78 -28.02 -0.13
N ILE D 59 -6.12 -27.86 -1.26
CA ILE D 59 -4.80 -27.29 -1.38
C ILE D 59 -4.91 -25.94 -2.13
N ASP D 60 -4.47 -24.85 -1.48
CA ASP D 60 -4.32 -23.51 -2.06
C ASP D 60 -2.91 -23.41 -2.63
N ILE D 61 -2.85 -23.19 -3.94
CA ILE D 61 -1.60 -23.11 -4.70
C ILE D 61 -1.36 -21.63 -5.05
N GLY D 62 -0.31 -21.04 -4.47
CA GLY D 62 -0.08 -19.58 -4.63
C GLY D 62 -0.91 -18.72 -3.68
N SER D 63 -0.73 -19.00 -2.39
CA SER D 63 -1.47 -18.37 -1.36
C SER D 63 -0.92 -16.98 -1.08
N GLY D 64 0.27 -16.70 -1.58
CA GLY D 64 1.00 -15.49 -1.20
C GLY D 64 0.95 -15.34 0.31
N PRO D 65 0.77 -14.12 0.79
CA PRO D 65 0.81 -13.86 2.24
C PRO D 65 -0.58 -13.65 2.84
N THR D 66 -1.55 -14.24 2.16
CA THR D 66 -2.94 -13.82 2.14
C THR D 66 -3.82 -14.99 2.65
N ILE D 67 -4.90 -14.71 3.38
CA ILE D 67 -5.87 -15.74 3.85
C ILE D 67 -7.31 -15.42 3.48
N TYR D 68 -7.56 -14.32 2.83
CA TYR D 68 -8.95 -13.98 2.54
C TYR D 68 -9.56 -15.03 1.65
N GLN D 69 -8.71 -15.65 0.82
CA GLN D 69 -9.14 -16.66 -0.19
C GLN D 69 -9.55 -18.00 0.41
N LEU D 70 -9.25 -18.19 1.69
CA LEU D 70 -9.62 -19.41 2.41
C LEU D 70 -10.82 -19.24 3.34
N LEU D 71 -11.45 -18.06 3.39
CA LEU D 71 -12.34 -17.79 4.52
C LEU D 71 -13.64 -18.58 4.41
N SER D 72 -14.27 -18.51 3.24
CA SER D 72 -15.37 -19.42 2.91
C SER D 72 -14.89 -20.90 2.77
N ALA D 73 -13.69 -21.11 2.27
CA ALA D 73 -13.27 -22.45 2.00
C ALA D 73 -13.23 -23.29 3.27
N CYS D 74 -12.90 -22.70 4.42
CA CYS D 74 -12.79 -23.49 5.66
C CYS D 74 -14.16 -23.96 6.15
N GLU D 75 -15.25 -23.42 5.58
CA GLU D 75 -16.62 -23.98 5.83
C GLU D 75 -16.76 -25.36 5.26
N SER D 76 -16.21 -25.57 4.04
CA SER D 76 -16.41 -26.82 3.27
C SER D 76 -15.29 -27.83 3.26
N PHE D 77 -14.20 -27.56 3.98
CA PHE D 77 -13.09 -28.50 3.95
C PHE D 77 -12.57 -28.74 5.34
N LYS D 78 -12.30 -30.00 5.65
CA LYS D 78 -11.81 -30.42 6.96
C LYS D 78 -10.35 -29.97 7.11
N GLU D 79 -9.52 -30.31 6.13
CA GLU D 79 -8.12 -29.90 6.10
C GLU D 79 -7.83 -28.96 4.93
N ILE D 80 -7.11 -27.87 5.20
CA ILE D 80 -6.60 -26.99 4.15
C ILE D 80 -5.09 -26.98 4.19
N VAL D 81 -4.45 -27.03 3.03
CA VAL D 81 -3.01 -26.83 2.95
C VAL D 81 -2.65 -25.58 2.15
N VAL D 82 -1.85 -24.69 2.74
CA VAL D 82 -1.46 -23.44 2.08
C VAL D 82 -0.03 -23.53 1.58
N THR D 83 0.21 -23.02 0.38
CA THR D 83 1.47 -23.19 -0.31
C THR D 83 1.83 -21.93 -1.07
N ASP D 84 3.11 -21.70 -1.24
CA ASP D 84 3.63 -20.63 -2.08
C ASP D 84 5.08 -20.97 -2.31
N TYR D 85 5.64 -20.44 -3.40
CA TYR D 85 7.06 -20.62 -3.72
C TYR D 85 7.96 -19.85 -2.75
N SER D 86 7.46 -18.70 -2.26
CA SER D 86 8.33 -17.79 -1.54
C SER D 86 8.13 -17.92 -0.05
N ASP D 87 9.23 -18.28 0.63
CA ASP D 87 9.20 -18.51 2.06
C ASP D 87 8.77 -17.27 2.83
N GLN D 88 9.07 -16.11 2.29
CA GLN D 88 8.72 -14.85 2.93
C GLN D 88 7.21 -14.71 3.05
N ASN D 89 6.46 -15.22 2.04
CA ASN D 89 4.97 -15.25 2.08
C ASN D 89 4.53 -16.24 3.14
N LEU D 90 5.15 -17.41 3.12
CA LEU D 90 4.92 -18.42 4.14
C LEU D 90 5.08 -17.84 5.56
N GLN D 91 6.05 -16.96 5.76
CA GLN D 91 6.23 -16.44 7.11
C GLN D 91 5.04 -15.60 7.55
N GLU D 92 4.45 -14.84 6.63
CA GLU D 92 3.24 -14.06 6.97
C GLU D 92 2.11 -14.95 7.34
N LEU D 93 1.94 -16.03 6.60
CA LEU D 93 0.85 -16.96 6.87
C LEU D 93 1.01 -17.63 8.23
N GLU D 94 2.19 -18.20 8.49
CA GLU D 94 2.47 -18.92 9.76
C GLU D 94 2.20 -18.05 10.99
N LYS D 95 2.65 -16.83 10.85
CA LYS D 95 2.56 -15.81 11.84
C LYS D 95 1.11 -15.47 12.15
N TRP D 96 0.25 -15.46 11.12
CA TRP D 96 -1.19 -15.28 11.36
C TRP D 96 -1.87 -16.55 11.95
N LEU D 97 -1.50 -17.70 11.40
CA LEU D 97 -2.10 -18.98 11.78
C LEU D 97 -1.84 -19.28 13.27
N LYS D 98 -0.68 -18.81 13.78
CA LYS D 98 -0.32 -18.98 15.16
C LYS D 98 -0.84 -17.89 16.07
N LYS D 99 -1.76 -17.07 15.57
CA LYS D 99 -2.25 -15.90 16.30
C LYS D 99 -1.11 -15.14 16.98
N GLU D 100 -0.01 -14.92 16.25
CA GLU D 100 1.07 -14.05 16.78
C GLU D 100 0.68 -12.57 16.66
N PRO D 101 1.23 -11.71 17.55
CA PRO D 101 0.78 -10.28 17.57
C PRO D 101 1.34 -9.43 16.40
N ALA D 102 2.47 -9.86 15.83
CA ALA D 102 2.98 -9.30 14.55
C ALA D 102 2.12 -9.65 13.28
N ALA D 103 1.15 -10.55 13.41
CA ALA D 103 0.33 -10.94 12.25
C ALA D 103 -0.43 -9.79 11.65
N PHE D 104 -0.76 -9.90 10.38
CA PHE D 104 -1.58 -8.88 9.75
C PHE D 104 -3.00 -8.97 10.33
N ASP D 105 -3.70 -7.86 10.34
CA ASP D 105 -5.05 -7.83 10.86
C ASP D 105 -6.04 -7.97 9.67
N TRP D 106 -6.61 -9.16 9.56
CA TRP D 106 -7.65 -9.48 8.58
C TRP D 106 -9.07 -9.28 9.16
N SER D 107 -9.18 -8.97 10.45
CA SER D 107 -10.52 -8.90 11.07
C SER D 107 -11.59 -8.18 10.22
N PRO D 108 -11.26 -7.06 9.55
CA PRO D 108 -12.30 -6.42 8.74
C PRO D 108 -12.84 -7.27 7.56
N VAL D 109 -11.98 -8.08 6.95
CA VAL D 109 -12.36 -8.92 5.83
C VAL D 109 -13.11 -10.15 6.38
N VAL D 110 -12.57 -10.75 7.42
CA VAL D 110 -13.23 -11.86 8.13
C VAL D 110 -14.70 -11.55 8.44
N THR D 111 -14.90 -10.38 9.01
CA THR D 111 -16.21 -9.96 9.45
C THR D 111 -17.09 -9.77 8.27
N TYR D 112 -16.54 -9.20 7.22
CA TYR D 112 -17.33 -8.98 6.01
C TYR D 112 -17.82 -10.33 5.46
N VAL D 113 -16.93 -11.31 5.46
CA VAL D 113 -17.22 -12.64 4.98
C VAL D 113 -18.26 -13.32 5.84
N CYS D 114 -18.19 -13.12 7.14
CA CYS D 114 -19.24 -13.62 8.03
C CYS D 114 -20.62 -13.08 7.59
N ASP D 115 -20.73 -11.78 7.37
CA ASP D 115 -22.03 -11.15 6.96
C ASP D 115 -22.59 -11.65 5.63
N LEU D 116 -21.68 -12.06 4.75
CA LEU D 116 -22.00 -12.53 3.44
C LEU D 116 -22.58 -13.94 3.51
N GLU D 117 -22.16 -14.69 4.52
CA GLU D 117 -22.46 -16.11 4.61
C GLU D 117 -23.85 -16.44 5.19
N GLY D 118 -24.64 -15.43 5.50
CA GLY D 118 -25.87 -15.66 6.23
C GLY D 118 -25.45 -15.35 7.64
N ASN D 119 -25.17 -14.04 7.79
CA ASN D 119 -24.64 -13.38 9.00
C ASN D 119 -25.12 -14.06 10.24
N ARG D 120 -24.21 -14.80 10.81
CA ARG D 120 -24.51 -15.64 11.92
C ARG D 120 -23.31 -15.40 12.77
N VAL D 121 -22.18 -15.81 12.21
CA VAL D 121 -20.96 -16.00 12.97
C VAL D 121 -20.28 -14.64 13.16
N LYS D 122 -19.56 -14.50 14.27
CA LYS D 122 -18.76 -13.30 14.55
C LYS D 122 -17.31 -13.66 14.20
N GLY D 123 -16.51 -12.65 13.84
CA GLY D 123 -15.11 -12.87 13.41
C GLY D 123 -14.30 -13.91 14.18
N PRO D 124 -14.25 -13.84 15.51
CA PRO D 124 -13.31 -14.74 16.22
C PRO D 124 -13.52 -16.25 15.99
N GLU D 125 -14.77 -16.65 15.76
CA GLU D 125 -15.11 -18.07 15.55
C GLU D 125 -14.66 -18.52 14.15
N LYS D 126 -14.88 -17.65 13.16
CA LYS D 126 -14.43 -17.86 11.78
C LYS D 126 -12.91 -18.04 11.70
N GLU D 127 -12.16 -17.18 12.40
CA GLU D 127 -10.72 -17.23 12.41
C GLU D 127 -10.26 -18.51 13.06
N GLU D 128 -10.98 -18.96 14.08
CA GLU D 128 -10.61 -20.20 14.79
C GLU D 128 -10.73 -21.42 13.88
N LYS D 129 -11.83 -21.45 13.15
CA LYS D 129 -12.16 -22.56 12.25
C LYS D 129 -11.16 -22.72 11.12
N LEU D 130 -10.78 -21.57 10.55
CA LEU D 130 -9.73 -21.55 9.55
C LEU D 130 -8.44 -22.00 10.15
N ARG D 131 -8.12 -21.51 11.35
CA ARG D 131 -6.89 -21.92 12.04
C ARG D 131 -6.90 -23.40 12.36
N GLN D 132 -8.02 -23.93 12.85
CA GLN D 132 -8.15 -25.38 13.07
C GLN D 132 -7.94 -26.17 11.77
N ALA D 133 -8.43 -25.61 10.67
CA ALA D 133 -8.40 -26.28 9.37
C ALA D 133 -7.02 -26.42 8.74
N VAL D 134 -6.11 -25.46 8.94
CA VAL D 134 -4.82 -25.54 8.27
C VAL D 134 -3.84 -26.22 9.20
N LYS D 135 -3.24 -27.31 8.71
CA LYS D 135 -2.26 -28.11 9.46
C LYS D 135 -0.87 -28.04 8.83
N GLN D 136 -0.75 -27.42 7.67
CA GLN D 136 0.49 -27.45 6.95
C GLN D 136 0.64 -26.25 6.04
N VAL D 137 1.86 -25.73 6.00
CA VAL D 137 2.27 -24.54 5.25
C VAL D 137 3.52 -24.98 4.53
N LEU D 138 3.55 -24.89 3.21
CA LEU D 138 4.55 -25.61 2.42
C LEU D 138 5.03 -24.86 1.19
N LYS D 139 6.28 -25.12 0.81
CA LYS D 139 6.82 -24.67 -0.47
C LYS D 139 6.03 -25.36 -1.56
N CYS D 140 5.86 -24.69 -2.67
CA CYS D 140 5.33 -25.32 -3.86
C CYS D 140 6.12 -24.81 -5.04
N ASP D 141 6.37 -25.68 -5.99
CA ASP D 141 6.97 -25.30 -7.24
C ASP D 141 6.25 -26.11 -8.30
N VAL D 142 5.39 -25.42 -9.04
CA VAL D 142 4.48 -26.02 -10.05
C VAL D 142 5.16 -26.28 -11.40
N THR D 143 6.41 -25.83 -11.48
CA THR D 143 7.40 -26.18 -12.50
C THR D 143 7.79 -27.68 -12.43
N GLN D 144 7.69 -28.27 -11.25
CA GLN D 144 7.97 -29.69 -11.01
C GLN D 144 6.72 -30.59 -11.12
N SER D 145 6.89 -31.76 -11.69
CA SER D 145 5.82 -32.71 -11.75
C SER D 145 5.30 -33.10 -10.34
N GLN D 146 6.15 -33.06 -9.31
CA GLN D 146 5.66 -33.20 -7.93
C GLN D 146 5.76 -31.87 -7.18
N PRO D 147 4.72 -31.04 -7.30
CA PRO D 147 4.88 -29.63 -6.88
C PRO D 147 5.06 -29.40 -5.38
N LEU D 148 4.60 -30.32 -4.53
CA LEU D 148 4.87 -30.22 -3.10
C LEU D 148 6.13 -30.97 -2.73
N GLY D 149 6.83 -31.45 -3.75
CA GLY D 149 8.05 -32.16 -3.58
C GLY D 149 7.81 -33.49 -2.91
N ALA D 150 8.71 -33.81 -2.00
CA ALA D 150 8.77 -35.10 -1.31
C ALA D 150 7.78 -35.24 -0.16
N VAL D 151 7.07 -34.17 0.21
CA VAL D 151 5.99 -34.30 1.20
C VAL D 151 4.91 -35.26 0.61
N PRO D 152 4.50 -36.29 1.39
CA PRO D 152 3.45 -37.18 0.92
C PRO D 152 2.08 -36.63 1.33
N LEU D 153 1.21 -36.37 0.36
CA LEU D 153 -0.13 -35.89 0.68
C LEU D 153 -1.15 -36.80 0.12
N PRO D 154 -2.15 -37.16 0.92
CA PRO D 154 -3.23 -37.91 0.29
C PRO D 154 -3.77 -37.12 -0.93
N PRO D 155 -4.38 -37.81 -1.90
CA PRO D 155 -4.91 -37.01 -3.01
C PRO D 155 -6.07 -36.16 -2.53
N ALA D 156 -6.16 -34.97 -3.10
CA ALA D 156 -6.99 -33.92 -2.60
C ALA D 156 -8.35 -33.84 -3.34
N ASP D 157 -9.30 -33.14 -2.73
CA ASP D 157 -10.62 -32.93 -3.32
C ASP D 157 -10.75 -31.60 -4.05
N CYS D 158 -9.81 -30.68 -3.83
CA CYS D 158 -9.84 -29.38 -4.47
C CYS D 158 -8.48 -28.74 -4.49
N VAL D 159 -8.10 -28.23 -5.64
CA VAL D 159 -7.01 -27.29 -5.72
C VAL D 159 -7.62 -25.90 -5.97
N LEU D 160 -7.17 -24.93 -5.20
CA LEU D 160 -7.55 -23.52 -5.35
C LEU D 160 -6.33 -22.71 -5.80
N SER D 161 -6.53 -21.71 -6.66
CA SER D 161 -5.45 -20.76 -6.93
C SER D 161 -6.04 -19.44 -7.39
N THR D 162 -5.63 -18.35 -6.74
CA THR D 162 -6.18 -17.01 -7.01
C THR D 162 -5.05 -16.08 -7.45
N LEU D 163 -5.34 -15.27 -8.46
CA LEU D 163 -4.47 -14.19 -8.93
C LEU D 163 -2.95 -14.48 -9.18
N CYS D 164 -2.59 -15.75 -9.42
CA CYS D 164 -1.26 -16.11 -9.91
C CYS D 164 -0.91 -15.66 -11.35
N LEU D 165 -1.87 -15.61 -12.26
CA LEU D 165 -1.58 -15.01 -13.59
C LEU D 165 -1.28 -13.54 -13.47
N ASP D 166 -2.07 -12.88 -12.65
CA ASP D 166 -1.93 -11.47 -12.46
C ASP D 166 -0.60 -11.13 -11.79
N ALA D 167 -0.07 -12.01 -10.96
CA ALA D 167 1.16 -11.73 -10.23
C ALA D 167 2.44 -12.04 -11.04
N ALA D 168 2.36 -13.02 -11.96
CA ALA D 168 3.52 -13.48 -12.74
C ALA D 168 3.48 -13.20 -14.24
N CYS D 169 2.31 -13.12 -14.85
CA CYS D 169 2.17 -12.95 -16.31
C CYS D 169 2.96 -13.97 -17.13
N PRO D 170 2.76 -15.27 -16.84
CA PRO D 170 3.46 -16.29 -17.60
C PRO D 170 2.88 -16.38 -19.03
N ASP D 171 3.64 -16.99 -19.92
CA ASP D 171 3.12 -17.38 -21.24
C ASP D 171 2.18 -18.58 -21.14
N LEU D 172 1.50 -18.85 -22.24
CA LEU D 172 0.54 -19.93 -22.31
C LEU D 172 1.17 -21.29 -21.97
N PRO D 173 2.32 -21.65 -22.55
CA PRO D 173 2.83 -22.98 -22.25
C PRO D 173 3.23 -23.19 -20.77
N THR D 174 3.75 -22.13 -20.15
CA THR D 174 4.12 -22.21 -18.75
C THR D 174 2.89 -22.42 -17.87
N TYR D 175 1.83 -21.68 -18.17
CA TYR D 175 0.56 -21.82 -17.45
C TYR D 175 0.00 -23.24 -17.52
N CYS D 176 -0.10 -23.73 -18.75
CA CYS D 176 -0.45 -25.13 -19.06
C CYS D 176 0.27 -26.17 -18.21
N ARG D 177 1.59 -26.07 -18.21
CA ARG D 177 2.45 -27.04 -17.54
C ARG D 177 2.16 -27.00 -16.06
N ALA D 178 2.02 -25.78 -15.55
CA ALA D 178 1.70 -25.57 -14.14
C ALA D 178 0.37 -26.30 -13.76
N LEU D 179 -0.67 -26.09 -14.58
CA LEU D 179 -1.99 -26.75 -14.34
C LEU D 179 -1.88 -28.26 -14.44
N ARG D 180 -1.16 -28.75 -15.42
CA ARG D 180 -0.99 -30.19 -15.57
C ARG D 180 -0.29 -30.77 -14.36
N ASN D 181 0.76 -30.10 -13.89
CA ASN D 181 1.44 -30.58 -12.71
C ASN D 181 0.55 -30.55 -11.44
N LEU D 182 -0.35 -29.56 -11.31
CA LEU D 182 -1.30 -29.53 -10.18
C LEU D 182 -2.25 -30.72 -10.17
N GLY D 183 -2.63 -31.18 -11.36
CA GLY D 183 -3.41 -32.40 -11.55
C GLY D 183 -2.90 -33.57 -10.73
N SER D 184 -1.59 -33.66 -10.60
CA SER D 184 -1.01 -34.72 -9.76
C SER D 184 -1.47 -34.74 -8.30
N LEU D 185 -1.97 -33.62 -7.78
CA LEU D 185 -2.33 -33.51 -6.34
C LEU D 185 -3.76 -33.90 -6.05
N LEU D 186 -4.54 -34.12 -7.11
CA LEU D 186 -6.00 -34.12 -7.08
C LEU D 186 -6.54 -35.51 -7.44
N LYS D 187 -7.49 -36.02 -6.67
CA LYS D 187 -8.25 -37.21 -7.03
C LYS D 187 -8.84 -37.08 -8.46
N PRO D 188 -9.05 -38.23 -9.12
CA PRO D 188 -9.93 -38.16 -10.29
C PRO D 188 -11.31 -37.58 -9.89
N GLY D 189 -11.82 -36.62 -10.68
CA GLY D 189 -13.06 -35.93 -10.35
C GLY D 189 -12.94 -34.75 -9.35
N GLY D 190 -11.78 -34.58 -8.71
CA GLY D 190 -11.55 -33.44 -7.82
C GLY D 190 -11.65 -32.07 -8.50
N PHE D 191 -11.95 -31.04 -7.70
CA PHE D 191 -12.20 -29.71 -8.26
C PHE D 191 -10.91 -28.92 -8.41
N LEU D 192 -10.85 -28.15 -9.47
CA LEU D 192 -9.90 -27.07 -9.62
C LEU D 192 -10.71 -25.77 -9.61
N VAL D 193 -10.31 -24.83 -8.75
CA VAL D 193 -10.97 -23.52 -8.61
C VAL D 193 -9.94 -22.45 -8.88
N ILE D 194 -10.17 -21.62 -9.90
CA ILE D 194 -9.25 -20.59 -10.24
C ILE D 194 -9.93 -19.25 -10.32
N MET D 195 -9.34 -18.22 -9.73
CA MET D 195 -9.86 -16.85 -9.90
C MET D 195 -8.72 -15.94 -10.22
N ASP D 196 -8.82 -15.20 -11.30
CA ASP D 196 -7.63 -14.53 -11.81
C ASP D 196 -8.03 -13.44 -12.78
N ALA D 197 -7.02 -12.75 -13.30
CA ALA D 197 -7.23 -11.65 -14.22
C ALA D 197 -6.68 -12.01 -15.58
N LEU D 198 -7.26 -11.39 -16.61
CA LEU D 198 -6.87 -11.63 -18.02
C LEU D 198 -5.89 -10.58 -18.62
N LEU D 215 -2.82 -13.83 -22.49
CA LEU D 215 -3.77 -14.86 -22.10
C LEU D 215 -5.16 -14.18 -22.00
N GLY D 216 -6.07 -14.62 -22.88
CA GLY D 216 -7.47 -14.21 -22.89
C GLY D 216 -8.39 -15.40 -22.61
N ARG D 217 -9.68 -15.19 -22.74
CA ARG D 217 -10.66 -16.20 -22.39
C ARG D 217 -10.39 -17.56 -23.07
N GLU D 218 -10.16 -17.56 -24.39
CA GLU D 218 -10.09 -18.82 -25.17
C GLU D 218 -8.85 -19.63 -24.80
N ALA D 219 -7.80 -18.89 -24.45
CA ALA D 219 -6.52 -19.49 -24.10
C ALA D 219 -6.58 -20.13 -22.73
N VAL D 220 -7.23 -19.43 -21.79
CA VAL D 220 -7.41 -19.95 -20.43
C VAL D 220 -8.18 -21.26 -20.52
N GLU D 221 -9.28 -21.26 -21.26
CA GLU D 221 -10.08 -22.51 -21.42
C GLU D 221 -9.27 -23.60 -22.07
N ALA D 222 -8.65 -23.30 -23.21
CA ALA D 222 -7.78 -24.25 -23.93
C ALA D 222 -6.70 -24.87 -23.04
N ALA D 223 -6.06 -24.02 -22.25
CA ALA D 223 -5.02 -24.45 -21.34
C ALA D 223 -5.58 -25.40 -20.28
N VAL D 224 -6.76 -25.07 -19.73
CA VAL D 224 -7.37 -25.92 -18.70
C VAL D 224 -7.76 -27.28 -19.29
N LYS D 225 -8.39 -27.29 -20.47
CA LYS D 225 -8.72 -28.55 -21.22
C LYS D 225 -7.48 -29.40 -21.45
N GLU D 226 -6.46 -28.79 -22.07
CA GLU D 226 -5.22 -29.51 -22.44
C GLU D 226 -4.51 -30.02 -21.22
N ALA D 227 -4.59 -29.29 -20.12
CA ALA D 227 -3.97 -29.70 -18.86
C ALA D 227 -4.68 -30.89 -18.24
N GLY D 228 -5.90 -31.21 -18.71
CA GLY D 228 -6.61 -32.44 -18.33
C GLY D 228 -7.81 -32.26 -17.41
N TYR D 229 -8.57 -31.18 -17.65
CA TYR D 229 -9.70 -30.75 -16.79
C TYR D 229 -10.91 -30.33 -17.64
N THR D 230 -12.10 -30.61 -17.11
CA THR D 230 -13.34 -30.26 -17.75
C THR D 230 -13.99 -29.10 -17.01
N ILE D 231 -14.16 -27.99 -17.71
CA ILE D 231 -14.79 -26.80 -17.14
C ILE D 231 -16.29 -26.99 -16.92
N GLU D 232 -16.74 -26.75 -15.68
CA GLU D 232 -18.19 -26.72 -15.41
C GLU D 232 -18.75 -25.30 -15.25
N TRP D 233 -17.91 -24.30 -14.94
CA TRP D 233 -18.38 -22.93 -14.77
C TRP D 233 -17.22 -22.00 -15.10
N PHE D 234 -17.56 -20.92 -15.80
CA PHE D 234 -16.59 -19.97 -16.25
C PHE D 234 -17.28 -18.64 -16.42
N GLU D 235 -16.87 -17.64 -15.66
CA GLU D 235 -17.49 -16.30 -15.69
C GLU D 235 -16.41 -15.22 -15.87
N VAL D 236 -16.72 -14.16 -16.63
CA VAL D 236 -15.78 -13.06 -16.86
C VAL D 236 -16.45 -11.74 -16.53
N ILE D 237 -15.66 -10.81 -15.98
CA ILE D 237 -16.04 -9.40 -15.84
C ILE D 237 -15.00 -8.46 -16.47
N GLU D 249 -9.26 -5.33 -19.79
CA GLU D 249 -8.92 -5.83 -18.45
C GLU D 249 -10.15 -6.49 -17.77
N GLY D 250 -10.07 -7.79 -17.46
CA GLY D 250 -11.18 -8.54 -16.83
C GLY D 250 -10.82 -9.57 -15.75
N LEU D 251 -11.69 -9.76 -14.76
CA LEU D 251 -11.51 -10.78 -13.71
C LEU D 251 -12.35 -12.02 -14.00
N PHE D 252 -11.69 -13.18 -14.21
CA PHE D 252 -12.41 -14.44 -14.41
C PHE D 252 -12.37 -15.37 -13.21
N SER D 253 -13.23 -16.38 -13.25
CA SER D 253 -13.44 -17.35 -12.15
C SER D 253 -13.86 -18.65 -12.79
N LEU D 254 -13.30 -19.75 -12.39
CA LEU D 254 -13.72 -20.97 -13.00
C LEU D 254 -13.66 -22.12 -12.05
N VAL D 255 -14.52 -23.12 -12.33
CA VAL D 255 -14.53 -24.39 -11.62
C VAL D 255 -14.53 -25.51 -12.64
N ALA D 256 -13.67 -26.48 -12.42
CA ALA D 256 -13.46 -27.55 -13.33
C ALA D 256 -13.17 -28.78 -12.50
N ARG D 257 -13.15 -29.93 -13.17
CA ARG D 257 -12.78 -31.22 -12.53
C ARG D 257 -11.70 -31.95 -13.32
N LYS D 258 -10.80 -32.61 -12.59
CA LYS D 258 -9.75 -33.42 -13.20
C LYS D 258 -10.36 -34.72 -13.72
N LEU D 259 -10.00 -35.06 -14.96
CA LEU D 259 -10.43 -36.33 -15.59
C LEU D 259 -9.74 -37.58 -15.03
CA GLY E 1 9.73 -14.28 -6.22
C GLY E 1 8.48 -13.42 -6.37
N PHE E 2 7.43 -13.92 -7.04
CA PHE E 2 6.21 -13.10 -7.25
C PHE E 2 5.36 -12.96 -5.99
N ARG E 4 2.46 -13.63 -5.17
CA ARG E 4 1.87 -14.91 -4.91
C ARG E 4 2.18 -15.78 -6.10
N GLY E 5 2.39 -17.07 -5.86
CA GLY E 5 2.46 -18.08 -6.92
C GLY E 5 3.22 -19.36 -6.56
N TRP E 7 5.90 -20.26 -8.74
CA TRP E 7 6.99 -20.16 -9.72
C TRP E 7 8.20 -19.42 -9.14
N PRO E 8 9.44 -19.78 -9.56
CA PRO E 8 10.66 -18.94 -9.31
C PRO E 8 10.67 -17.63 -10.11
N CYS E 9 11.17 -16.53 -9.51
CA CYS E 9 10.93 -15.15 -10.04
C CYS E 9 12.10 -14.22 -10.50
#